data_7KFG
#
_entry.id   7KFG
#
_cell.length_a   94.460
_cell.length_b   94.460
_cell.length_c   94.911
_cell.angle_alpha   90.00
_cell.angle_beta   90.00
_cell.angle_gamma   120.00
#
_symmetry.space_group_name_H-M   'P 61'
#
loop_
_entity.id
_entity.type
_entity.pdbx_description
1 polymer 'Antibody Fab BDBV-289 heavy chain'
2 polymer 'Antibody Fab BDBV-289 light chain'
3 non-polymer DI(HYDROXYETHYL)ETHER
#
loop_
_entity_poly.entity_id
_entity_poly.type
_entity_poly.pdbx_seq_one_letter_code
_entity_poly.pdbx_strand_id
1 'polypeptide(L)'
;QVQLVQSGAEVKKPGSSVKVSCKASGATFGSDTVTWVRQAPGQGLEWMGGIIPFFGEANYAQRFQGRVTITADKSTNTAY
MELSSLRSEDTAVYFCARQINEMATFGEIHYYTYMDVWGQGTLVTVSSASTKGPSVFPLAPSSKSTSGGTAALGCLVKDY
FPEPVTVSWNSGALTSGVHTFPAVLQSSGLYSLSSVVTVPSSSLGTQTYICNVNHKPSNTKVDKRVEPKSCD
;
A
2 'polypeptide(L)'
;GSELTQDPAVSVALGQTVRITCQGDSLRNYYASWYQQKPRQAPVLVFYGKNNRPSGIPDRFSGSSSGNTASLTISGAQAE
DEADYYCNSRDSSSNHLVFGGGTKLTVLSQPKAAPSVTLFPPSSEELQANKATLVCLISDFYPGAVTVAWKADSSPVKAG
VETTTPSKQSNNKYAASSYLSLTPEQWKSHRSYSCQVTHEGSTVEKTVAPTECS
;
B
#
loop_
_chem_comp.id
_chem_comp.type
_chem_comp.name
_chem_comp.formula
PEG non-polymer DI(HYDROXYETHYL)ETHER 'C4 H10 O3'
#
# COMPACT_ATOMS: atom_id res chain seq x y z
N GLN A 1 26.84 1.22 -11.27
CA GLN A 1 27.24 1.97 -12.49
C GLN A 1 26.20 3.02 -12.85
N VAL A 2 24.94 2.59 -12.96
CA VAL A 2 23.84 3.48 -13.33
C VAL A 2 22.92 3.65 -12.13
N GLN A 3 22.24 4.80 -12.08
CA GLN A 3 21.38 5.14 -10.97
C GLN A 3 20.41 6.23 -11.42
N LEU A 4 19.18 6.16 -10.92
CA LEU A 4 18.18 7.20 -11.14
C LEU A 4 17.66 7.67 -9.79
N VAL A 5 17.80 8.97 -9.52
CA VAL A 5 17.36 9.56 -8.27
C VAL A 5 16.28 10.59 -8.57
N GLN A 6 15.15 10.47 -7.90
CA GLN A 6 14.01 11.36 -8.11
C GLN A 6 13.96 12.43 -7.02
N SER A 7 13.01 13.35 -7.19
CA SER A 7 12.81 14.42 -6.22
C SER A 7 11.98 13.93 -5.04
N GLY A 8 11.98 14.72 -3.98
CA GLY A 8 11.31 14.34 -2.75
C GLY A 8 9.80 14.23 -2.91
N ALA A 9 9.17 13.78 -1.83
CA ALA A 9 7.71 13.69 -1.80
C ALA A 9 7.11 15.09 -1.86
N GLU A 10 5.84 15.16 -2.26
CA GLU A 10 5.18 16.45 -2.43
C GLU A 10 3.70 16.32 -2.13
N VAL A 11 3.22 17.14 -1.19
CA VAL A 11 1.79 17.31 -0.97
C VAL A 11 1.34 18.53 -1.77
N LYS A 12 0.38 18.32 -2.66
CA LYS A 12 0.01 19.31 -3.65
C LYS A 12 -1.50 19.55 -3.60
N LYS A 13 -1.90 20.81 -3.85
CA LYS A 13 -3.30 21.17 -3.83
C LYS A 13 -4.06 20.40 -4.92
N PRO A 14 -5.38 20.27 -4.78
CA PRO A 14 -6.15 19.54 -5.79
C PRO A 14 -6.45 20.36 -7.04
N GLY A 15 -5.71 21.45 -7.23
CA GLY A 15 -5.84 22.24 -8.44
C GLY A 15 -4.49 22.72 -8.94
N SER A 16 -3.42 22.17 -8.38
CA SER A 16 -2.07 22.58 -8.69
C SER A 16 -1.44 21.61 -9.68
N SER A 17 -0.12 21.65 -9.81
CA SER A 17 0.60 20.79 -10.75
C SER A 17 1.98 20.48 -10.19
N VAL A 18 2.42 19.24 -10.36
CA VAL A 18 3.72 18.80 -9.88
C VAL A 18 4.67 18.67 -11.05
N LYS A 19 5.97 18.84 -10.78
CA LYS A 19 7.02 18.60 -11.77
C LYS A 19 8.07 17.75 -11.10
N VAL A 20 7.93 16.43 -11.22
CA VAL A 20 8.85 15.51 -10.57
C VAL A 20 10.06 15.28 -11.46
N SER A 21 11.23 15.17 -10.84
CA SER A 21 12.49 15.08 -11.56
C SER A 21 13.06 13.67 -11.44
N CYS A 22 14.06 13.41 -12.29
CA CYS A 22 14.64 12.07 -12.40
C CYS A 22 16.05 12.25 -12.98
N LYS A 23 17.04 12.37 -12.09
CA LYS A 23 18.42 12.61 -12.50
C LYS A 23 19.16 11.29 -12.61
N ALA A 24 20.02 11.20 -13.63
CA ALA A 24 20.72 9.97 -13.96
C ALA A 24 22.20 10.11 -13.61
N SER A 25 22.71 9.14 -12.87
CA SER A 25 24.12 9.05 -12.54
C SER A 25 24.82 8.09 -13.51
N GLY A 26 26.12 8.30 -13.69
CA GLY A 26 26.90 7.44 -14.56
C GLY A 26 26.58 7.63 -16.03
N ALA A 27 26.00 6.60 -16.64
CA ALA A 27 25.71 6.65 -18.07
C ALA A 27 24.70 7.74 -18.39
N THR A 28 24.89 8.40 -19.53
CA THR A 28 23.94 9.39 -20.00
C THR A 28 22.71 8.71 -20.58
N PHE A 29 21.70 9.51 -20.91
CA PHE A 29 20.45 8.99 -21.42
C PHE A 29 20.66 8.17 -22.70
N GLY A 30 21.11 8.82 -23.77
CA GLY A 30 21.30 8.11 -25.02
C GLY A 30 19.98 7.70 -25.64
N SER A 31 20.01 6.54 -26.32
CA SER A 31 18.79 6.03 -26.95
C SER A 31 17.86 5.40 -25.93
N ASP A 32 18.41 4.69 -24.95
CA ASP A 32 17.62 4.06 -23.90
C ASP A 32 16.55 5.02 -23.40
N THR A 33 15.30 4.58 -23.44
CA THR A 33 14.20 5.52 -23.25
C THR A 33 13.91 5.68 -21.76
N VAL A 34 13.31 6.81 -21.40
CA VAL A 34 12.96 7.13 -20.02
C VAL A 34 11.44 7.01 -19.90
N THR A 35 11.00 6.10 -19.03
CA THR A 35 9.58 5.83 -18.84
C THR A 35 9.15 6.32 -17.47
N TRP A 36 7.95 6.91 -17.43
CA TRP A 36 7.31 7.31 -16.19
C TRP A 36 6.07 6.45 -15.98
N VAL A 37 5.99 5.84 -14.80
CA VAL A 37 4.94 4.90 -14.45
C VAL A 37 4.55 5.14 -13.00
N ARG A 38 3.25 5.23 -12.73
CA ARG A 38 2.77 5.54 -11.39
C ARG A 38 2.03 4.35 -10.80
N GLN A 39 1.90 4.36 -9.48
CA GLN A 39 1.24 3.30 -8.73
C GLN A 39 0.43 3.93 -7.61
N ALA A 40 -0.89 3.68 -7.62
CA ALA A 40 -1.76 4.21 -6.59
C ALA A 40 -1.73 3.32 -5.36
N PRO A 41 -1.99 3.88 -4.17
CA PRO A 41 -1.92 3.07 -2.95
C PRO A 41 -2.87 1.89 -2.97
N GLY A 42 -2.32 0.68 -3.09
CA GLY A 42 -3.10 -0.53 -3.14
C GLY A 42 -3.37 -1.05 -4.53
N GLN A 43 -3.13 -0.25 -5.56
CA GLN A 43 -3.36 -0.66 -6.94
C GLN A 43 -2.03 -1.00 -7.60
N GLY A 44 -2.11 -1.43 -8.87
CA GLY A 44 -0.94 -1.89 -9.59
C GLY A 44 -0.30 -0.80 -10.43
N LEU A 45 0.75 -1.19 -11.15
CA LEU A 45 1.51 -0.25 -11.95
C LEU A 45 0.68 0.25 -13.12
N GLU A 46 0.84 1.53 -13.44
CA GLU A 46 0.12 2.17 -14.54
C GLU A 46 1.12 2.96 -15.37
N TRP A 47 1.42 2.46 -16.57
CA TRP A 47 2.33 3.16 -17.46
C TRP A 47 1.73 4.50 -17.86
N MET A 48 2.46 5.58 -17.59
CA MET A 48 2.04 6.92 -17.95
C MET A 48 2.61 7.39 -19.28
N GLY A 49 3.93 7.26 -19.45
CA GLY A 49 4.50 7.73 -20.71
C GLY A 49 5.97 7.41 -20.83
N GLY A 50 6.54 7.86 -21.93
CA GLY A 50 7.96 7.66 -22.19
C GLY A 50 8.50 8.73 -23.10
N ILE A 51 9.82 8.88 -23.09
CA ILE A 51 10.51 9.86 -23.92
C ILE A 51 11.87 9.30 -24.32
N ILE A 52 12.36 9.76 -25.47
CA ILE A 52 13.70 9.42 -25.93
C ILE A 52 14.52 10.71 -25.97
N PRO A 53 15.34 10.98 -24.95
CA PRO A 53 16.06 12.27 -24.91
C PRO A 53 16.93 12.54 -26.12
N PHE A 54 17.33 11.52 -26.88
CA PHE A 54 18.15 11.77 -28.07
C PHE A 54 17.35 12.54 -29.12
N PHE A 55 16.14 12.08 -29.43
CA PHE A 55 15.29 12.78 -30.38
C PHE A 55 14.57 13.95 -29.71
N GLY A 56 14.01 13.72 -28.53
CA GLY A 56 13.30 14.73 -27.78
C GLY A 56 11.80 14.53 -27.72
N GLU A 57 11.23 13.80 -28.69
CA GLU A 57 9.79 13.59 -28.72
C GLU A 57 9.40 12.47 -27.77
N ALA A 58 8.23 12.62 -27.15
CA ALA A 58 7.72 11.68 -26.18
C ALA A 58 6.35 11.16 -26.62
N ASN A 59 5.87 10.16 -25.89
CA ASN A 59 4.54 9.60 -26.13
C ASN A 59 3.92 9.23 -24.79
N TYR A 60 2.70 9.67 -24.58
CA TYR A 60 1.99 9.47 -23.32
C TYR A 60 0.90 8.42 -23.48
N ALA A 61 0.39 7.96 -22.34
CA ALA A 61 -0.71 7.00 -22.36
C ALA A 61 -2.01 7.67 -22.78
N GLN A 62 -2.98 6.84 -23.14
CA GLN A 62 -4.18 7.35 -23.79
C GLN A 62 -4.94 8.32 -22.89
N ARG A 63 -5.05 8.01 -21.60
CA ARG A 63 -5.87 8.81 -20.69
C ARG A 63 -5.14 10.05 -20.17
N PHE A 64 -3.83 10.14 -20.32
CA PHE A 64 -3.07 11.24 -19.77
C PHE A 64 -2.75 12.33 -20.79
N GLN A 65 -2.92 12.06 -22.08
CA GLN A 65 -2.62 13.05 -23.11
C GLN A 65 -3.33 14.36 -22.82
N GLY A 66 -2.55 15.41 -22.59
CA GLY A 66 -3.09 16.72 -22.27
C GLY A 66 -2.65 17.20 -20.90
N ARG A 67 -2.57 16.28 -19.94
CA ARG A 67 -2.19 16.61 -18.57
C ARG A 67 -0.69 16.44 -18.35
N VAL A 68 -0.14 15.33 -18.80
CA VAL A 68 1.25 14.97 -18.53
C VAL A 68 2.15 15.55 -19.60
N THR A 69 3.36 15.90 -19.20
CA THR A 69 4.39 16.39 -20.12
C THR A 69 5.73 15.87 -19.66
N ILE A 70 6.37 15.05 -20.50
CA ILE A 70 7.65 14.43 -20.20
C ILE A 70 8.74 15.18 -20.95
N THR A 71 9.74 15.65 -20.22
CA THR A 71 10.82 16.46 -20.76
C THR A 71 12.16 15.82 -20.43
N ALA A 72 13.18 16.20 -21.20
CA ALA A 72 14.53 15.72 -20.98
C ALA A 72 15.51 16.85 -21.22
N ASP A 73 16.48 17.00 -20.32
CA ASP A 73 17.55 17.98 -20.45
C ASP A 73 18.87 17.24 -20.41
N LYS A 74 19.66 17.36 -21.49
CA LYS A 74 20.96 16.69 -21.55
C LYS A 74 22.04 17.44 -20.79
N SER A 75 21.92 18.76 -20.69
CA SER A 75 22.93 19.54 -19.96
C SER A 75 23.06 19.05 -18.52
N THR A 76 21.94 18.85 -17.84
CA THR A 76 21.93 18.28 -16.49
C THR A 76 21.61 16.79 -16.49
N ASN A 77 21.26 16.22 -17.65
CA ASN A 77 20.96 14.80 -17.75
C ASN A 77 19.82 14.41 -16.80
N THR A 78 18.71 15.14 -16.92
CA THR A 78 17.56 14.97 -16.03
C THR A 78 16.28 14.86 -16.85
N ALA A 79 15.44 13.90 -16.50
CA ALA A 79 14.10 13.80 -17.03
C ALA A 79 13.11 14.46 -16.07
N TYR A 80 12.05 15.03 -16.64
CA TYR A 80 11.04 15.72 -15.87
C TYR A 80 9.67 15.22 -16.29
N MET A 81 8.74 15.21 -15.33
CA MET A 81 7.34 14.89 -15.61
C MET A 81 6.48 15.95 -14.94
N GLU A 82 5.75 16.71 -15.75
CA GLU A 82 4.82 17.71 -15.26
C GLU A 82 3.40 17.16 -15.36
N LEU A 83 2.64 17.33 -14.30
CA LEU A 83 1.25 16.85 -14.21
C LEU A 83 0.40 17.97 -13.65
N SER A 84 -0.60 18.39 -14.40
CA SER A 84 -1.45 19.52 -14.04
C SER A 84 -2.87 19.07 -13.72
N SER A 85 -3.61 19.96 -13.07
CA SER A 85 -4.98 19.69 -12.65
C SER A 85 -5.03 18.44 -11.77
N LEU A 86 -4.29 18.50 -10.67
CA LEU A 86 -4.18 17.35 -9.79
C LEU A 86 -5.50 17.08 -9.08
N ARG A 87 -5.60 15.86 -8.54
CA ARG A 87 -6.79 15.43 -7.81
C ARG A 87 -6.43 14.23 -6.97
N SER A 88 -7.28 13.93 -5.98
CA SER A 88 -7.00 12.84 -5.06
C SER A 88 -6.65 11.56 -5.79
N GLU A 89 -7.39 11.23 -6.86
CA GLU A 89 -7.11 10.04 -7.64
C GLU A 89 -5.70 10.04 -8.24
N ASP A 90 -5.01 11.18 -8.26
CA ASP A 90 -3.62 11.22 -8.71
C ASP A 90 -2.64 10.99 -7.57
N THR A 91 -3.10 10.87 -6.33
CA THR A 91 -2.23 10.53 -5.23
C THR A 91 -1.61 9.16 -5.48
N ALA A 92 -0.29 9.11 -5.59
CA ALA A 92 0.38 7.87 -5.96
C ALA A 92 1.88 8.06 -5.88
N VAL A 93 2.61 6.95 -6.05
CA VAL A 93 4.06 6.97 -6.16
C VAL A 93 4.42 6.92 -7.64
N TYR A 94 5.21 7.89 -8.09
CA TYR A 94 5.61 8.00 -9.49
C TYR A 94 7.07 7.57 -9.60
N PHE A 95 7.31 6.51 -10.39
CA PHE A 95 8.64 6.01 -10.66
C PHE A 95 9.06 6.42 -12.07
N CYS A 96 10.33 6.76 -12.22
CA CYS A 96 10.98 6.80 -13.53
C CYS A 96 11.90 5.60 -13.67
N ALA A 97 12.05 5.12 -14.89
CA ALA A 97 12.87 3.95 -15.15
C ALA A 97 13.49 4.07 -16.53
N ARG A 98 14.58 3.33 -16.73
CA ARG A 98 15.20 3.23 -18.03
C ARG A 98 14.63 2.00 -18.74
N GLN A 99 13.90 2.22 -19.82
CA GLN A 99 13.33 1.15 -20.62
C GLN A 99 14.26 0.86 -21.79
N ILE A 100 14.52 -0.43 -22.01
CA ILE A 100 15.55 -0.90 -22.95
C ILE A 100 14.84 -1.86 -23.90
N ASN A 101 14.37 -1.35 -25.04
CA ASN A 101 13.78 -2.22 -26.04
C ASN A 101 14.86 -3.01 -26.75
N GLU A 102 14.61 -4.31 -26.96
CA GLU A 102 15.65 -5.18 -27.48
C GLU A 102 15.00 -6.26 -28.34
N MET A 103 15.85 -6.95 -29.11
CA MET A 103 15.37 -7.93 -30.09
C MET A 103 16.31 -9.13 -30.11
N ALA A 104 15.75 -10.28 -30.43
CA ALA A 104 16.48 -11.52 -30.63
C ALA A 104 16.12 -12.00 -32.03
N THR A 105 17.04 -11.80 -32.98
CA THR A 105 16.77 -12.10 -34.38
C THR A 105 16.75 -13.59 -34.67
N PHE A 106 17.38 -14.40 -33.82
CA PHE A 106 17.38 -15.84 -34.05
C PHE A 106 15.97 -16.39 -33.94
N GLY A 107 15.59 -17.21 -34.92
CA GLY A 107 14.27 -17.82 -34.93
C GLY A 107 13.20 -16.93 -35.52
N GLU A 108 12.23 -16.53 -34.70
CA GLU A 108 11.10 -15.72 -35.15
C GLU A 108 11.35 -14.22 -35.01
N ILE A 109 12.53 -13.81 -34.54
CA ILE A 109 12.86 -12.40 -34.40
C ILE A 109 11.95 -11.78 -33.36
N HIS A 110 12.08 -12.23 -32.11
CA HIS A 110 11.17 -11.83 -31.04
C HIS A 110 11.74 -10.65 -30.25
N TYR A 111 10.87 -9.74 -29.83
CA TYR A 111 11.28 -8.55 -29.10
C TYR A 111 11.11 -8.75 -27.60
N TYR A 112 11.75 -7.88 -26.82
CA TYR A 112 11.56 -7.85 -25.38
C TYR A 112 11.89 -6.47 -24.85
N THR A 113 11.00 -5.92 -24.05
CA THR A 113 11.16 -4.59 -23.46
C THR A 113 11.20 -4.73 -21.95
N TYR A 114 12.33 -4.37 -21.35
CA TYR A 114 12.50 -4.47 -19.91
C TYR A 114 12.95 -3.13 -19.35
N MET A 115 13.00 -3.04 -18.02
CA MET A 115 13.45 -1.85 -17.32
C MET A 115 14.39 -2.28 -16.21
N ASP A 116 15.69 -2.01 -16.39
CA ASP A 116 16.69 -2.52 -15.47
C ASP A 116 16.85 -1.63 -14.24
N VAL A 117 16.87 -0.32 -14.42
CA VAL A 117 17.09 0.62 -13.32
C VAL A 117 15.83 1.45 -13.11
N TRP A 118 15.48 1.66 -11.85
CA TRP A 118 14.35 2.48 -11.45
C TRP A 118 14.82 3.56 -10.50
N GLY A 119 14.00 4.60 -10.35
CA GLY A 119 14.19 5.57 -9.31
C GLY A 119 13.46 5.17 -8.05
N GLN A 120 13.91 5.73 -6.92
CA GLN A 120 13.35 5.33 -5.63
C GLN A 120 11.85 5.58 -5.56
N GLY A 121 11.31 6.44 -6.41
CA GLY A 121 9.91 6.77 -6.40
C GLY A 121 9.65 8.10 -5.71
N THR A 122 8.63 8.81 -6.18
CA THR A 122 8.23 10.09 -5.62
C THR A 122 6.76 10.03 -5.24
N LEU A 123 6.46 10.19 -3.96
CA LEU A 123 5.07 10.16 -3.51
C LEU A 123 4.45 11.54 -3.69
N VAL A 124 3.44 11.63 -4.55
CA VAL A 124 2.65 12.85 -4.72
C VAL A 124 1.31 12.59 -4.05
N THR A 125 1.00 13.43 -3.06
CA THR A 125 -0.22 13.29 -2.26
C THR A 125 -1.09 14.51 -2.52
N VAL A 126 -2.31 14.27 -3.01
CA VAL A 126 -3.25 15.34 -3.34
C VAL A 126 -4.36 15.32 -2.30
N SER A 127 -4.40 16.34 -1.45
CA SER A 127 -5.41 16.45 -0.41
C SER A 127 -5.83 17.90 -0.26
N SER A 128 -7.10 18.08 0.09
CA SER A 128 -7.65 19.42 0.30
C SER A 128 -7.44 19.93 1.72
N ALA A 129 -6.94 19.09 2.62
CA ALA A 129 -6.80 19.48 4.01
C ALA A 129 -5.48 20.22 4.25
N SER A 130 -5.36 20.79 5.44
CA SER A 130 -4.16 21.47 5.88
C SER A 130 -3.66 20.83 7.16
N THR A 131 -2.48 21.27 7.61
CA THR A 131 -1.91 20.78 8.85
C THR A 131 -2.90 20.95 9.99
N LYS A 132 -3.27 19.84 10.64
CA LYS A 132 -4.24 19.85 11.71
C LYS A 132 -3.70 19.09 12.91
N GLY A 133 -3.99 19.60 14.09
CA GLY A 133 -3.58 18.95 15.32
C GLY A 133 -4.49 17.79 15.66
N PRO A 134 -3.92 16.71 16.20
CA PRO A 134 -4.74 15.53 16.52
C PRO A 134 -5.65 15.78 17.71
N SER A 135 -6.73 15.01 17.75
CA SER A 135 -7.62 14.95 18.91
C SER A 135 -7.54 13.56 19.51
N VAL A 136 -7.20 13.48 20.79
CA VAL A 136 -6.94 12.22 21.48
C VAL A 136 -8.12 11.88 22.37
N PHE A 137 -8.67 10.67 22.21
CA PHE A 137 -9.76 10.20 23.05
C PHE A 137 -9.36 8.91 23.77
N PRO A 138 -9.92 8.66 24.96
CA PRO A 138 -9.53 7.46 25.71
C PRO A 138 -10.45 6.26 25.50
N LEU A 139 -9.92 5.21 24.87
CA LEU A 139 -10.66 3.95 24.73
C LEU A 139 -10.51 3.18 26.03
N ALA A 140 -11.53 3.24 26.89
CA ALA A 140 -11.45 2.68 28.22
C ALA A 140 -11.75 1.18 28.20
N PRO A 141 -11.30 0.45 29.23
CA PRO A 141 -11.56 -0.98 29.30
C PRO A 141 -12.88 -1.30 29.99
N SER A 142 -13.29 -2.56 29.88
CA SER A 142 -14.53 -3.03 30.49
C SER A 142 -14.50 -4.55 30.55
N SER A 143 -15.19 -5.09 31.55
CA SER A 143 -15.26 -6.54 31.74
C SER A 143 -16.09 -7.19 30.64
N SER A 147 -10.57 -16.05 29.75
CA SER A 147 -9.21 -15.52 29.84
C SER A 147 -8.99 -14.82 31.18
N GLY A 148 -7.78 -14.96 31.73
CA GLY A 148 -7.45 -14.37 33.00
C GLY A 148 -6.84 -12.99 32.87
N GLY A 149 -7.55 -11.97 33.34
CA GLY A 149 -7.05 -10.62 33.24
C GLY A 149 -6.86 -10.21 31.79
N THR A 150 -5.75 -9.52 31.53
CA THR A 150 -5.41 -9.07 30.18
C THR A 150 -6.50 -8.18 29.60
N ALA A 151 -6.86 -7.14 30.34
CA ALA A 151 -7.81 -6.14 29.87
C ALA A 151 -7.09 -5.14 28.96
N ALA A 152 -7.78 -4.71 27.92
CA ALA A 152 -7.20 -3.84 26.90
C ALA A 152 -7.74 -2.42 27.03
N LEU A 153 -6.84 -1.44 26.89
CA LEU A 153 -7.23 -0.03 26.90
C LEU A 153 -6.32 0.70 25.93
N GLY A 154 -6.80 1.81 25.37
CA GLY A 154 -6.04 2.48 24.34
C GLY A 154 -6.36 3.95 24.21
N CYS A 155 -5.72 4.55 23.21
CA CYS A 155 -5.91 5.95 22.87
C CYS A 155 -6.17 6.08 21.39
N LEU A 156 -7.21 6.84 21.04
CA LEU A 156 -7.62 7.04 19.65
C LEU A 156 -7.22 8.46 19.25
N VAL A 157 -6.23 8.56 18.38
CA VAL A 157 -5.87 9.83 17.75
C VAL A 157 -6.72 9.98 16.51
N LYS A 158 -7.31 11.16 16.32
CA LYS A 158 -8.22 11.35 15.20
C LYS A 158 -8.05 12.75 14.62
N ASP A 159 -8.28 12.84 13.32
CA ASP A 159 -8.31 14.12 12.59
C ASP A 159 -6.97 14.85 12.73
N TYR A 160 -5.94 14.24 12.15
CA TYR A 160 -4.65 14.88 11.98
C TYR A 160 -4.18 14.62 10.56
N PHE A 161 -3.81 15.69 9.85
CA PHE A 161 -3.50 15.56 8.43
C PHE A 161 -2.06 15.14 8.20
N PRO A 162 -1.06 15.79 8.79
CA PRO A 162 0.32 15.42 8.52
C PRO A 162 0.58 13.96 8.89
N GLU A 163 1.19 13.23 7.97
CA GLU A 163 1.24 11.78 8.07
C GLU A 163 1.88 11.26 9.36
N PRO A 164 3.04 11.74 9.78
CA PRO A 164 3.70 11.12 10.94
C PRO A 164 3.08 11.52 12.27
N VAL A 165 3.03 10.56 13.20
CA VAL A 165 2.53 10.80 14.54
C VAL A 165 3.09 9.69 15.43
N THR A 166 3.39 10.04 16.69
CA THR A 166 3.95 9.09 17.64
C THR A 166 3.09 9.01 18.89
N VAL A 167 3.11 7.85 19.54
CA VAL A 167 2.35 7.61 20.75
C VAL A 167 3.22 6.81 21.70
N SER A 168 3.40 7.32 22.92
CA SER A 168 4.23 6.66 23.94
C SER A 168 3.43 6.54 25.23
N TRP A 169 3.33 5.33 25.76
CA TRP A 169 2.56 5.09 26.98
C TRP A 169 3.46 5.27 28.20
N ASN A 170 3.03 6.14 29.11
CA ASN A 170 3.82 6.49 30.30
C ASN A 170 5.17 7.06 29.90
N SER A 171 5.15 7.97 28.93
CA SER A 171 6.37 8.64 28.47
C SER A 171 7.42 7.64 28.01
N GLY A 172 6.97 6.56 27.37
CA GLY A 172 7.86 5.55 26.87
C GLY A 172 8.29 4.51 27.87
N ALA A 173 7.77 4.55 29.10
CA ALA A 173 8.14 3.57 30.11
C ALA A 173 7.32 2.30 30.03
N LEU A 174 6.14 2.35 29.41
CA LEU A 174 5.25 1.19 29.29
C LEU A 174 5.38 0.60 27.89
N THR A 175 5.71 -0.69 27.83
CA THR A 175 5.81 -1.39 26.55
C THR A 175 5.26 -2.81 26.66
N SER A 176 4.25 -3.01 27.52
CA SER A 176 3.67 -4.33 27.76
C SER A 176 2.55 -4.54 26.75
N GLY A 177 2.90 -5.06 25.57
CA GLY A 177 1.93 -5.31 24.54
C GLY A 177 1.32 -4.05 23.97
N VAL A 178 2.17 -3.08 23.63
CA VAL A 178 1.74 -1.81 23.05
C VAL A 178 1.94 -1.88 21.55
N HIS A 179 0.84 -1.76 20.80
CA HIS A 179 0.87 -1.80 19.35
C HIS A 179 0.32 -0.49 18.79
N THR A 180 1.00 0.04 17.78
CA THR A 180 0.59 1.27 17.10
C THR A 180 0.14 0.90 15.69
N PHE A 181 -1.17 0.77 15.51
CA PHE A 181 -1.71 0.41 14.21
C PHE A 181 -1.43 1.51 13.20
N PRO A 182 -1.21 1.16 11.93
CA PRO A 182 -1.13 2.18 10.89
C PRO A 182 -2.41 3.01 10.85
N ALA A 183 -2.24 4.31 10.64
CA ALA A 183 -3.39 5.20 10.59
C ALA A 183 -4.27 4.88 9.38
N VAL A 184 -5.47 5.43 9.39
CA VAL A 184 -6.44 5.26 8.32
C VAL A 184 -6.81 6.62 7.78
N LEU A 185 -6.85 6.75 6.45
CA LEU A 185 -7.23 8.00 5.80
C LEU A 185 -8.74 8.02 5.60
N GLN A 186 -9.41 8.93 6.27
CA GLN A 186 -10.85 9.07 6.20
C GLN A 186 -11.24 10.01 5.06
N SER A 187 -12.54 10.06 4.77
CA SER A 187 -13.01 10.83 3.63
C SER A 187 -12.48 12.26 3.62
N SER A 188 -12.31 12.85 4.80
CA SER A 188 -11.85 14.24 4.90
C SER A 188 -10.36 14.39 4.66
N GLY A 189 -9.66 13.32 4.28
CA GLY A 189 -8.23 13.40 4.09
C GLY A 189 -7.42 13.51 5.35
N LEU A 190 -8.03 13.27 6.51
CA LEU A 190 -7.36 13.37 7.81
C LEU A 190 -7.15 11.96 8.36
N TYR A 191 -5.98 11.74 8.95
CA TYR A 191 -5.62 10.42 9.43
C TYR A 191 -6.13 10.18 10.84
N SER A 192 -6.40 8.92 11.15
CA SER A 192 -6.90 8.52 12.46
C SER A 192 -6.19 7.22 12.85
N LEU A 193 -5.47 7.27 13.97
CA LEU A 193 -4.65 6.15 14.44
C LEU A 193 -5.16 5.68 15.80
N SER A 194 -4.75 4.48 16.19
CA SER A 194 -5.10 3.92 17.48
C SER A 194 -3.85 3.30 18.10
N SER A 195 -3.79 3.33 19.43
CA SER A 195 -2.67 2.74 20.17
C SER A 195 -3.23 2.02 21.38
N VAL A 196 -3.09 0.70 21.42
CA VAL A 196 -3.70 -0.13 22.44
C VAL A 196 -2.63 -0.67 23.38
N VAL A 197 -3.06 -1.28 24.48
CA VAL A 197 -2.17 -1.91 25.43
C VAL A 197 -3.00 -2.81 26.33
N THR A 198 -2.49 -4.01 26.59
CA THR A 198 -3.14 -5.01 27.43
C THR A 198 -2.40 -5.12 28.75
N VAL A 199 -3.14 -5.14 29.86
CA VAL A 199 -2.53 -5.21 31.19
C VAL A 199 -3.41 -6.08 32.11
N PRO A 200 -2.80 -6.67 33.16
CA PRO A 200 -3.65 -7.40 34.14
C PRO A 200 -4.77 -6.53 34.68
N SER A 201 -5.96 -7.14 34.84
CA SER A 201 -7.13 -6.39 35.27
C SER A 201 -6.86 -5.61 36.55
N SER A 202 -5.88 -6.04 37.34
CA SER A 202 -5.53 -5.35 38.58
C SER A 202 -5.03 -3.94 38.27
N THR A 206 -4.89 -0.19 39.52
CA THR A 206 -3.75 0.06 40.40
C THR A 206 -2.79 1.05 39.79
N GLN A 207 -2.16 0.65 38.68
CA GLN A 207 -1.19 1.52 38.01
C GLN A 207 -1.91 2.65 37.29
N THR A 208 -1.13 3.68 36.94
CA THR A 208 -1.63 4.82 36.18
C THR A 208 -1.26 4.64 34.71
N TYR A 209 -2.24 4.80 33.83
CA TYR A 209 -2.07 4.59 32.40
C TYR A 209 -2.34 5.91 31.68
N ILE A 210 -1.28 6.50 31.12
CA ILE A 210 -1.36 7.78 30.44
C ILE A 210 -0.61 7.66 29.12
N CYS A 211 -1.28 7.99 28.02
CA CYS A 211 -0.67 7.97 26.69
C CYS A 211 -0.31 9.39 26.28
N ASN A 212 0.88 9.56 25.72
CA ASN A 212 1.38 10.84 25.25
C ASN A 212 1.49 10.79 23.74
N VAL A 213 0.69 11.60 23.06
CA VAL A 213 0.71 11.70 21.61
C VAL A 213 1.58 12.89 21.23
N ASN A 214 2.47 12.68 20.26
CA ASN A 214 3.36 13.70 19.75
C ASN A 214 3.18 13.79 18.24
N HIS A 215 2.62 14.89 17.78
CA HIS A 215 2.44 15.20 16.36
C HIS A 215 3.41 16.34 16.05
N LYS A 216 4.63 15.97 15.66
CA LYS A 216 5.69 16.96 15.50
C LYS A 216 5.39 17.99 14.42
N PRO A 217 4.80 17.64 13.26
CA PRO A 217 4.57 18.64 12.21
C PRO A 217 3.91 19.91 12.72
N SER A 218 2.72 19.79 13.32
CA SER A 218 2.02 20.94 13.86
C SER A 218 2.49 21.32 15.27
N ASN A 219 3.55 20.67 15.76
CA ASN A 219 4.09 20.94 17.09
C ASN A 219 3.02 20.77 18.15
N THR A 220 2.42 19.58 18.17
CA THR A 220 1.36 19.24 19.11
C THR A 220 1.83 18.12 20.03
N LYS A 221 1.59 18.29 21.33
CA LYS A 221 1.91 17.26 22.31
C LYS A 221 0.75 17.21 23.32
N VAL A 222 0.20 16.02 23.54
CA VAL A 222 -0.99 15.88 24.38
C VAL A 222 -0.84 14.62 25.21
N ASP A 223 -0.89 14.78 26.53
CA ASP A 223 -0.99 13.65 27.45
C ASP A 223 -2.45 13.40 27.79
N LYS A 224 -2.79 12.12 27.96
CA LYS A 224 -4.18 11.74 28.16
C LYS A 224 -4.28 10.55 29.10
N ARG A 225 -5.02 10.74 30.21
CA ARG A 225 -5.26 9.64 31.15
C ARG A 225 -6.46 8.79 30.74
N VAL A 226 -6.28 7.48 30.75
CA VAL A 226 -7.32 6.56 30.31
C VAL A 226 -7.98 5.96 31.55
N GLU A 227 -8.87 6.71 32.17
CA GLU A 227 -9.57 6.22 33.36
C GLU A 227 -10.71 5.28 32.94
N PRO A 228 -10.87 4.15 33.63
CA PRO A 228 -11.96 3.22 33.25
C PRO A 228 -13.33 3.78 33.58
N LYS A 229 -14.36 2.96 33.40
CA LYS A 229 -15.73 3.37 33.70
C LYS A 229 -15.98 3.34 35.21
N GLY B 1 -1.61 -6.65 -28.44
CA GLY B 1 -1.55 -6.68 -26.95
C GLY B 1 -2.07 -5.40 -26.32
N SER B 2 -3.39 -5.27 -26.25
CA SER B 2 -4.01 -4.10 -25.62
C SER B 2 -4.23 -4.28 -24.13
N GLU B 3 -4.07 -5.49 -23.60
CA GLU B 3 -4.24 -5.73 -22.18
C GLU B 3 -3.52 -7.01 -21.79
N LEU B 4 -3.09 -7.07 -20.53
CA LEU B 4 -2.47 -8.25 -19.95
C LEU B 4 -3.21 -8.60 -18.67
N THR B 5 -3.48 -9.90 -18.47
CA THR B 5 -4.24 -10.37 -17.34
C THR B 5 -3.45 -11.43 -16.59
N GLN B 6 -3.67 -11.50 -15.28
CA GLN B 6 -3.04 -12.51 -14.44
C GLN B 6 -3.80 -12.58 -13.12
N ASP B 7 -3.67 -13.72 -12.45
CA ASP B 7 -4.43 -13.94 -11.23
C ASP B 7 -4.09 -12.88 -10.18
N PRO B 8 -5.09 -12.36 -9.46
CA PRO B 8 -4.77 -11.34 -8.44
C PRO B 8 -3.90 -11.86 -7.31
N ALA B 9 -4.14 -13.08 -6.84
CA ALA B 9 -3.39 -13.61 -5.70
C ALA B 9 -3.17 -15.10 -5.89
N VAL B 10 -2.03 -15.57 -5.38
CA VAL B 10 -1.68 -16.99 -5.36
C VAL B 10 -0.96 -17.28 -4.05
N SER B 11 -1.14 -18.50 -3.56
CA SER B 11 -0.55 -18.93 -2.29
C SER B 11 0.21 -20.23 -2.47
N VAL B 12 1.33 -20.35 -1.76
CA VAL B 12 2.14 -21.57 -1.78
C VAL B 12 2.82 -21.70 -0.43
N ALA B 13 3.28 -22.92 -0.12
CA ALA B 13 3.97 -23.18 1.12
C ALA B 13 5.43 -22.74 1.03
N LEU B 14 6.15 -22.84 2.15
CA LEU B 14 7.47 -22.23 2.25
C LEU B 14 8.48 -22.91 1.33
N GLY B 15 8.32 -24.21 1.07
CA GLY B 15 9.23 -24.92 0.20
C GLY B 15 8.68 -25.24 -1.18
N GLN B 16 7.41 -24.93 -1.43
CA GLN B 16 6.77 -25.32 -2.67
C GLN B 16 7.38 -24.56 -3.85
N THR B 17 6.85 -24.84 -5.04
CA THR B 17 7.21 -24.15 -6.27
C THR B 17 5.96 -23.49 -6.83
N VAL B 18 6.09 -22.23 -7.24
CA VAL B 18 4.97 -21.44 -7.74
C VAL B 18 5.23 -21.11 -9.20
N ARG B 19 4.16 -21.08 -9.99
CA ARG B 19 4.24 -20.73 -11.41
C ARG B 19 3.15 -19.68 -11.68
N ILE B 20 3.56 -18.41 -11.66
CA ILE B 20 2.64 -17.31 -11.94
C ILE B 20 2.51 -17.14 -13.45
N THR B 21 1.28 -17.05 -13.92
CA THR B 21 0.99 -16.98 -15.34
C THR B 21 0.60 -15.57 -15.74
N CYS B 22 0.93 -15.22 -16.99
CA CYS B 22 0.60 -13.91 -17.56
C CYS B 22 0.16 -14.16 -18.99
N GLN B 23 -1.11 -13.95 -19.28
CA GLN B 23 -1.70 -14.28 -20.57
C GLN B 23 -2.15 -13.00 -21.26
N GLY B 24 -1.60 -12.74 -22.44
CA GLY B 24 -1.94 -11.57 -23.22
C GLY B 24 -1.93 -11.88 -24.70
N ASP B 25 -2.31 -10.88 -25.49
CA ASP B 25 -2.43 -11.07 -26.93
C ASP B 25 -1.13 -10.87 -27.68
N SER B 26 -0.23 -10.02 -27.17
CA SER B 26 1.03 -9.74 -27.84
C SER B 26 2.19 -10.55 -27.30
N LEU B 27 1.94 -11.47 -26.36
CA LEU B 27 3.03 -12.28 -25.81
C LEU B 27 3.60 -13.27 -26.83
N ARG B 28 3.03 -13.36 -28.03
CA ARG B 28 3.62 -14.18 -29.08
C ARG B 28 4.90 -13.52 -29.60
N ASN B 29 4.83 -12.23 -29.93
CA ASN B 29 5.99 -11.53 -30.48
C ASN B 29 6.95 -11.09 -29.38
N TYR B 30 6.43 -10.61 -28.27
CA TYR B 30 7.24 -10.04 -27.19
C TYR B 30 7.39 -11.04 -26.05
N TYR B 31 8.60 -11.11 -25.50
CA TYR B 31 8.83 -11.86 -24.27
C TYR B 31 8.35 -11.05 -23.08
N ALA B 32 7.77 -11.74 -22.11
CA ALA B 32 7.26 -11.07 -20.91
C ALA B 32 8.41 -10.71 -19.99
N SER B 33 8.36 -9.49 -19.45
CA SER B 33 9.31 -9.04 -18.45
C SER B 33 8.66 -9.14 -17.08
N TRP B 34 9.33 -9.79 -16.14
CA TRP B 34 8.80 -10.03 -14.81
C TRP B 34 9.54 -9.16 -13.80
N TYR B 35 8.76 -8.43 -12.99
CA TYR B 35 9.27 -7.58 -11.93
C TYR B 35 8.70 -8.01 -10.59
N GLN B 36 9.55 -7.97 -9.57
CA GLN B 36 9.15 -8.20 -8.18
C GLN B 36 9.09 -6.86 -7.47
N GLN B 37 7.97 -6.57 -6.82
CA GLN B 37 7.80 -5.36 -6.04
C GLN B 37 7.45 -5.73 -4.60
N LYS B 38 8.23 -5.25 -3.67
CA LYS B 38 7.96 -5.32 -2.25
C LYS B 38 7.30 -4.01 -1.81
N PRO B 39 6.53 -4.03 -0.71
CA PRO B 39 5.57 -2.94 -0.47
C PRO B 39 6.14 -1.53 -0.55
N ARG B 40 7.20 -1.21 0.20
CA ARG B 40 7.66 0.16 0.35
C ARG B 40 8.84 0.50 -0.55
N GLN B 41 9.07 -0.26 -1.61
CA GLN B 41 10.24 -0.06 -2.46
C GLN B 41 9.83 -0.19 -3.91
N ALA B 42 10.72 0.23 -4.79
CA ALA B 42 10.45 0.25 -6.22
C ALA B 42 10.62 -1.14 -6.83
N PRO B 43 9.98 -1.39 -7.97
CA PRO B 43 10.10 -2.71 -8.59
C PRO B 43 11.55 -3.08 -8.86
N VAL B 44 11.79 -4.39 -8.92
CA VAL B 44 13.10 -4.93 -9.26
C VAL B 44 12.92 -5.87 -10.45
N LEU B 45 13.68 -5.62 -11.51
CA LEU B 45 13.67 -6.51 -12.66
C LEU B 45 14.12 -7.90 -12.23
N VAL B 46 13.22 -8.89 -12.29
CA VAL B 46 13.53 -10.22 -11.80
C VAL B 46 13.81 -11.15 -12.98
N PHE B 47 13.22 -10.87 -14.14
CA PHE B 47 13.50 -11.70 -15.30
C PHE B 47 13.12 -10.97 -16.58
N TYR B 48 13.92 -11.18 -17.63
CA TYR B 48 13.61 -10.60 -18.93
C TYR B 48 14.15 -11.53 -20.02
N GLY B 49 13.64 -11.32 -21.23
CA GLY B 49 14.05 -12.15 -22.36
C GLY B 49 13.80 -13.61 -22.08
N LYS B 50 14.77 -14.45 -22.46
CA LYS B 50 14.73 -15.87 -22.17
C LYS B 50 16.05 -16.25 -21.52
N ASN B 51 15.99 -16.82 -20.32
CA ASN B 51 17.16 -17.23 -19.56
C ASN B 51 18.08 -16.06 -19.24
N ASN B 52 17.58 -14.82 -19.33
CA ASN B 52 18.35 -13.64 -19.00
C ASN B 52 17.89 -13.16 -17.62
N ARG B 53 18.48 -13.74 -16.59
CA ARG B 53 18.21 -13.34 -15.20
C ARG B 53 19.23 -12.29 -14.77
N PRO B 54 18.81 -11.13 -14.28
CA PRO B 54 19.79 -10.11 -13.89
C PRO B 54 20.69 -10.57 -12.76
N SER B 55 21.82 -9.89 -12.62
CA SER B 55 22.80 -10.25 -11.61
C SER B 55 22.26 -9.98 -10.21
N GLY B 56 22.61 -10.85 -9.27
CA GLY B 56 22.19 -10.73 -7.90
C GLY B 56 20.91 -11.45 -7.56
N ILE B 57 19.99 -11.56 -8.51
CA ILE B 57 18.72 -12.25 -8.25
C ILE B 57 18.99 -13.74 -8.04
N PRO B 58 18.38 -14.38 -7.03
CA PRO B 58 18.62 -15.81 -6.82
C PRO B 58 18.30 -16.63 -8.07
N ASP B 59 18.75 -17.88 -8.04
CA ASP B 59 18.58 -18.78 -9.17
C ASP B 59 17.26 -19.54 -9.15
N ARG B 60 16.34 -19.17 -8.24
CA ARG B 60 15.05 -19.84 -8.19
C ARG B 60 14.15 -19.39 -9.34
N PHE B 61 14.37 -18.18 -9.85
CA PHE B 61 13.45 -17.58 -10.81
C PHE B 61 13.78 -18.06 -12.22
N SER B 62 12.74 -18.47 -12.94
CA SER B 62 12.87 -18.94 -14.31
C SER B 62 11.71 -18.41 -15.13
N GLY B 63 11.97 -18.17 -16.42
CA GLY B 63 10.95 -17.68 -17.34
C GLY B 63 10.63 -18.73 -18.39
N SER B 64 9.36 -18.81 -18.76
CA SER B 64 8.91 -19.75 -19.79
C SER B 64 7.86 -19.08 -20.66
N SER B 65 7.84 -19.48 -21.93
CA SER B 65 6.91 -18.93 -22.92
C SER B 65 6.17 -20.08 -23.61
N SER B 66 4.94 -19.80 -24.04
CA SER B 66 4.16 -20.79 -24.78
C SER B 66 3.12 -20.09 -25.64
N GLY B 67 3.58 -19.32 -26.62
CA GLY B 67 2.67 -18.59 -27.49
C GLY B 67 2.13 -17.32 -26.88
N ASN B 68 0.84 -17.30 -26.58
CA ASN B 68 0.20 -16.13 -25.99
C ASN B 68 0.33 -16.07 -24.47
N THR B 69 1.02 -17.03 -23.86
CA THR B 69 1.16 -17.08 -22.41
C THR B 69 2.62 -17.09 -22.03
N ALA B 70 2.92 -16.44 -20.90
CA ALA B 70 4.24 -16.50 -20.28
C ALA B 70 4.07 -16.91 -18.84
N SER B 71 5.15 -17.39 -18.23
CA SER B 71 5.07 -17.86 -16.85
C SER B 71 6.40 -17.65 -16.16
N LEU B 72 6.32 -17.24 -14.89
CA LEU B 72 7.47 -17.10 -14.01
C LEU B 72 7.40 -18.20 -12.96
N THR B 73 8.44 -19.02 -12.90
CA THR B 73 8.52 -20.15 -11.98
C THR B 73 9.52 -19.83 -10.89
N ILE B 74 9.05 -19.84 -9.65
CA ILE B 74 9.91 -19.69 -8.47
C ILE B 74 9.95 -21.06 -7.78
N SER B 75 11.13 -21.67 -7.78
CA SER B 75 11.25 -23.04 -7.27
C SER B 75 11.27 -23.08 -5.75
N GLY B 76 12.01 -22.18 -5.11
CA GLY B 76 12.14 -22.22 -3.67
C GLY B 76 10.90 -21.75 -2.94
N ALA B 77 10.30 -20.65 -3.41
CA ALA B 77 9.14 -20.06 -2.75
C ALA B 77 9.46 -19.71 -1.30
N GLN B 78 10.53 -18.94 -1.12
CA GLN B 78 11.00 -18.59 0.21
C GLN B 78 10.22 -17.39 0.74
N ALA B 79 10.35 -17.16 2.06
CA ALA B 79 9.59 -16.09 2.70
C ALA B 79 9.91 -14.72 2.12
N GLU B 80 11.16 -14.51 1.70
CA GLU B 80 11.51 -13.23 1.09
C GLU B 80 10.83 -13.04 -0.26
N ASP B 81 10.43 -14.12 -0.92
CA ASP B 81 9.78 -14.02 -2.22
C ASP B 81 8.34 -13.55 -2.13
N GLU B 82 7.77 -13.47 -0.92
CA GLU B 82 6.42 -12.96 -0.75
C GLU B 82 6.36 -11.50 -1.19
N ALA B 83 5.53 -11.22 -2.21
CA ALA B 83 5.56 -9.89 -2.82
C ALA B 83 4.49 -9.74 -3.89
N ASP B 84 4.61 -8.73 -4.76
CA ASP B 84 3.71 -8.55 -5.88
C ASP B 84 4.52 -8.61 -7.16
N TYR B 85 4.17 -9.56 -8.04
CA TYR B 85 4.90 -9.76 -9.28
C TYR B 85 4.08 -9.22 -10.44
N TYR B 86 4.69 -8.38 -11.27
CA TYR B 86 4.04 -7.77 -12.41
C TYR B 86 4.72 -8.22 -13.69
N CYS B 87 3.92 -8.52 -14.72
CA CYS B 87 4.44 -8.81 -16.04
C CYS B 87 4.22 -7.62 -16.97
N ASN B 88 5.18 -7.42 -17.86
CA ASN B 88 5.25 -6.23 -18.70
C ASN B 88 5.55 -6.64 -20.13
N SER B 89 4.98 -5.89 -21.07
CA SER B 89 5.23 -6.11 -22.48
C SER B 89 5.05 -4.80 -23.23
N ARG B 90 5.40 -4.82 -24.51
CA ARG B 90 5.33 -3.65 -25.39
C ARG B 90 4.27 -3.89 -26.45
N ASP B 91 3.42 -2.89 -26.68
CA ASP B 91 2.40 -2.98 -27.71
C ASP B 91 3.04 -2.83 -29.09
N SER B 92 2.44 -3.51 -30.06
CA SER B 92 2.96 -3.50 -31.43
C SER B 92 2.39 -2.33 -32.24
N SER B 93 1.07 -2.12 -32.17
CA SER B 93 0.46 -1.03 -32.92
C SER B 93 1.09 0.31 -32.56
N SER B 94 1.13 0.64 -31.27
CA SER B 94 1.76 1.86 -30.79
C SER B 94 2.87 1.49 -29.81
N ASN B 95 3.66 2.50 -29.44
CA ASN B 95 4.74 2.31 -28.48
C ASN B 95 4.26 2.27 -27.04
N HIS B 96 2.95 2.16 -26.82
CA HIS B 96 2.41 2.05 -25.47
C HIS B 96 2.88 0.75 -24.83
N LEU B 97 3.14 0.82 -23.53
CA LEU B 97 3.59 -0.33 -22.76
C LEU B 97 2.44 -0.86 -21.91
N VAL B 98 2.32 -2.18 -21.84
CA VAL B 98 1.22 -2.84 -21.14
C VAL B 98 1.79 -3.53 -19.90
N PHE B 99 1.13 -3.33 -18.77
CA PHE B 99 1.47 -3.97 -17.51
C PHE B 99 0.33 -4.88 -17.09
N GLY B 100 0.68 -6.06 -16.58
CA GLY B 100 -0.31 -6.94 -16.02
C GLY B 100 -0.88 -6.40 -14.72
N GLY B 101 -2.06 -6.93 -14.36
CA GLY B 101 -2.71 -6.49 -13.14
C GLY B 101 -1.91 -6.76 -11.89
N GLY B 102 -0.96 -7.68 -11.95
CA GLY B 102 -0.16 -8.00 -10.78
C GLY B 102 -0.70 -9.20 -10.02
N THR B 103 0.20 -10.08 -9.58
CA THR B 103 -0.16 -11.24 -8.77
C THR B 103 0.52 -11.13 -7.42
N LYS B 104 -0.26 -11.21 -6.35
CA LYS B 104 0.26 -11.10 -4.99
C LYS B 104 0.61 -12.50 -4.51
N LEU B 105 1.90 -12.82 -4.49
CA LEU B 105 2.38 -14.11 -4.03
C LEU B 105 2.56 -14.07 -2.51
N THR B 106 1.78 -14.90 -1.82
CA THR B 106 1.83 -15.06 -0.37
C THR B 106 2.41 -16.43 -0.06
N VAL B 107 3.61 -16.45 0.50
CA VAL B 107 4.26 -17.68 0.92
C VAL B 107 3.85 -17.98 2.35
N LEU B 108 3.14 -19.09 2.54
CA LEU B 108 2.68 -19.49 3.87
C LEU B 108 3.87 -19.94 4.70
N SER B 109 4.40 -19.03 5.52
CA SER B 109 5.60 -19.29 6.30
C SER B 109 5.32 -19.75 7.72
N GLN B 110 4.13 -19.46 8.24
CA GLN B 110 3.81 -19.71 9.64
C GLN B 110 2.51 -20.49 9.73
N PRO B 111 2.24 -21.10 10.89
CA PRO B 111 0.95 -21.76 11.09
C PRO B 111 -0.19 -20.75 11.10
N LYS B 112 -1.38 -21.24 10.79
CA LYS B 112 -2.55 -20.39 10.80
C LYS B 112 -2.84 -19.90 12.21
N ALA B 113 -3.36 -18.68 12.31
CA ALA B 113 -3.65 -18.05 13.59
C ALA B 113 -5.01 -17.37 13.53
N ALA B 114 -5.80 -17.54 14.60
CA ALA B 114 -7.14 -16.99 14.65
C ALA B 114 -7.09 -15.51 15.04
N PRO B 115 -8.01 -14.70 14.50
CA PRO B 115 -7.99 -13.27 14.80
C PRO B 115 -8.57 -12.97 16.17
N SER B 116 -7.91 -12.04 16.88
CA SER B 116 -8.34 -11.57 18.18
C SER B 116 -8.99 -10.20 17.98
N VAL B 117 -10.30 -10.12 18.19
CA VAL B 117 -11.09 -8.93 17.93
C VAL B 117 -11.44 -8.26 19.24
N THR B 118 -11.31 -6.93 19.28
CA THR B 118 -11.75 -6.14 20.41
C THR B 118 -12.44 -4.88 19.88
N LEU B 119 -13.65 -4.61 20.39
CA LEU B 119 -14.47 -3.51 19.89
C LEU B 119 -14.65 -2.48 21.00
N PHE B 120 -14.11 -1.28 20.78
CA PHE B 120 -14.27 -0.15 21.68
C PHE B 120 -15.40 0.75 21.22
N PRO B 121 -16.36 1.07 22.07
CA PRO B 121 -17.44 1.99 21.66
C PRO B 121 -16.99 3.43 21.79
N PRO B 122 -17.83 4.38 21.36
CA PRO B 122 -17.43 5.80 21.45
C PRO B 122 -17.34 6.25 22.90
N SER B 123 -16.14 6.69 23.31
CA SER B 123 -15.94 7.16 24.66
C SER B 123 -16.88 8.33 24.97
N SER B 124 -17.32 8.40 26.22
CA SER B 124 -18.21 9.48 26.64
C SER B 124 -17.58 10.84 26.37
N GLU B 125 -16.27 10.96 26.52
CA GLU B 125 -15.61 12.24 26.29
C GLU B 125 -15.70 12.67 24.84
N GLU B 126 -15.67 11.71 23.91
CA GLU B 126 -15.82 12.04 22.50
C GLU B 126 -17.23 12.55 22.20
N LEU B 127 -18.24 11.93 22.82
CA LEU B 127 -19.62 12.36 22.61
C LEU B 127 -19.84 13.81 23.00
N GLN B 128 -18.92 14.40 23.77
CA GLN B 128 -19.03 15.82 24.10
C GLN B 128 -18.89 16.68 22.86
N ALA B 129 -18.04 16.27 21.92
CA ALA B 129 -17.86 17.00 20.67
C ALA B 129 -18.91 16.65 19.61
N ASN B 130 -19.96 15.93 20.00
CA ASN B 130 -21.03 15.54 19.08
C ASN B 130 -20.48 14.66 17.96
N LYS B 131 -19.63 13.71 18.32
CA LYS B 131 -19.08 12.76 17.37
C LYS B 131 -18.88 11.42 18.06
N ALA B 132 -18.89 10.36 17.26
CA ALA B 132 -18.72 9.01 17.79
C ALA B 132 -18.00 8.16 16.76
N THR B 133 -17.17 7.23 17.25
CA THR B 133 -16.39 6.36 16.39
C THR B 133 -16.18 5.03 17.09
N LEU B 134 -16.70 3.96 16.50
CA LEU B 134 -16.46 2.61 16.99
C LEU B 134 -15.15 2.08 16.42
N VAL B 135 -14.32 1.48 17.28
CA VAL B 135 -12.99 1.03 16.90
C VAL B 135 -12.95 -0.49 17.04
N CYS B 136 -12.74 -1.18 15.92
CA CYS B 136 -12.68 -2.64 15.91
C CYS B 136 -11.25 -3.05 15.56
N LEU B 137 -10.53 -3.59 16.55
CA LEU B 137 -9.11 -3.89 16.40
C LEU B 137 -8.93 -5.41 16.33
N ILE B 138 -8.27 -5.87 15.27
CA ILE B 138 -8.00 -7.28 15.05
C ILE B 138 -6.49 -7.48 15.17
N SER B 139 -6.11 -8.55 15.88
CA SER B 139 -4.70 -8.81 16.16
C SER B 139 -4.38 -10.28 16.05
N ASP B 140 -3.15 -10.57 15.63
CA ASP B 140 -2.56 -11.91 15.66
C ASP B 140 -3.39 -12.90 14.84
N PHE B 141 -3.39 -12.68 13.53
CA PHE B 141 -4.05 -13.58 12.59
C PHE B 141 -3.11 -13.85 11.41
N TYR B 142 -3.00 -15.13 11.04
CA TYR B 142 -2.18 -15.56 9.92
C TYR B 142 -3.00 -16.60 9.17
N PRO B 143 -3.08 -16.52 7.83
CA PRO B 143 -2.46 -15.56 6.91
C PRO B 143 -3.00 -14.13 7.09
N GLY B 144 -2.26 -13.16 6.58
CA GLY B 144 -2.58 -11.76 6.79
C GLY B 144 -3.61 -11.20 5.81
N ALA B 145 -4.77 -11.84 5.75
CA ALA B 145 -5.87 -11.37 4.90
C ALA B 145 -7.16 -11.57 5.67
N VAL B 146 -7.90 -10.47 5.88
CA VAL B 146 -9.13 -10.49 6.67
C VAL B 146 -10.09 -9.50 6.04
N THR B 147 -11.39 -9.71 6.30
CA THR B 147 -12.42 -8.82 5.80
C THR B 147 -13.35 -8.41 6.93
N VAL B 148 -13.62 -7.11 7.04
CA VAL B 148 -14.41 -6.56 8.13
C VAL B 148 -15.78 -6.16 7.59
N ALA B 149 -16.83 -6.45 8.36
CA ALA B 149 -18.18 -6.07 7.99
C ALA B 149 -18.91 -5.58 9.23
N TRP B 150 -19.46 -4.37 9.16
CA TRP B 150 -20.18 -3.80 10.28
C TRP B 150 -21.68 -4.04 10.13
N LYS B 151 -22.36 -4.13 11.26
CA LYS B 151 -23.78 -4.42 11.30
C LYS B 151 -24.42 -3.59 12.40
N ALA B 152 -25.72 -3.30 12.22
CA ALA B 152 -26.46 -2.50 13.19
C ALA B 152 -27.82 -3.16 13.39
N ASP B 153 -27.94 -3.96 14.46
CA ASP B 153 -29.18 -4.68 14.77
C ASP B 153 -29.58 -5.59 13.62
N SER B 154 -28.67 -6.50 13.28
CA SER B 154 -28.89 -7.48 12.22
C SER B 154 -29.09 -6.81 10.86
N SER B 155 -28.44 -5.66 10.65
CA SER B 155 -28.52 -4.93 9.38
C SER B 155 -27.14 -4.46 8.98
N PRO B 156 -26.54 -5.00 7.92
CA PRO B 156 -25.21 -4.56 7.52
C PRO B 156 -25.18 -3.07 7.19
N VAL B 157 -24.14 -2.40 7.66
CA VAL B 157 -23.91 -0.99 7.39
C VAL B 157 -22.67 -0.86 6.52
N LYS B 158 -22.71 0.06 5.57
CA LYS B 158 -21.63 0.24 4.60
C LYS B 158 -20.97 1.61 4.66
N ALA B 159 -21.68 2.64 5.12
CA ALA B 159 -21.15 3.99 5.14
C ALA B 159 -20.49 4.29 6.48
N GLY B 160 -19.48 5.15 6.44
CA GLY B 160 -18.74 5.52 7.62
C GLY B 160 -17.70 4.53 8.06
N VAL B 161 -17.35 3.55 7.22
CA VAL B 161 -16.42 2.49 7.56
C VAL B 161 -15.10 2.75 6.85
N GLU B 162 -14.00 2.69 7.60
CA GLU B 162 -12.65 2.82 7.03
C GLU B 162 -11.78 1.73 7.66
N THR B 163 -11.23 0.86 6.82
CA THR B 163 -10.51 -0.32 7.27
C THR B 163 -9.03 -0.21 6.92
N THR B 164 -8.18 -0.72 7.81
CA THR B 164 -6.74 -0.69 7.62
C THR B 164 -6.28 -1.99 6.95
N THR B 165 -5.34 -1.86 6.03
CA THR B 165 -4.72 -3.04 5.44
C THR B 165 -3.91 -3.77 6.51
N PRO B 166 -4.02 -5.08 6.62
CA PRO B 166 -3.30 -5.79 7.68
C PRO B 166 -1.79 -5.61 7.53
N SER B 167 -1.11 -5.58 8.68
CA SER B 167 0.34 -5.40 8.70
C SER B 167 0.85 -5.45 10.13
N LYS B 168 1.91 -6.23 10.36
CA LYS B 168 2.50 -6.34 11.69
C LYS B 168 3.95 -6.74 11.57
N GLN B 169 4.79 -6.19 12.45
CA GLN B 169 6.21 -6.51 12.49
C GLN B 169 6.67 -7.13 13.80
N SER B 170 5.91 -6.96 14.89
CA SER B 170 6.26 -7.62 16.14
C SER B 170 6.48 -9.11 15.93
N ASN B 171 5.57 -9.75 15.20
CA ASN B 171 5.73 -11.13 14.77
C ASN B 171 5.09 -11.26 13.40
N ASN B 172 5.22 -12.44 12.80
CA ASN B 172 4.67 -12.64 11.46
C ASN B 172 3.15 -12.57 11.45
N LYS B 173 2.51 -12.83 12.59
CA LYS B 173 1.06 -12.69 12.67
C LYS B 173 0.66 -11.24 12.48
N TYR B 174 -0.34 -11.00 11.66
CA TYR B 174 -0.70 -9.66 11.22
C TYR B 174 -1.67 -8.98 12.19
N ALA B 175 -1.94 -7.70 11.93
CA ALA B 175 -2.86 -6.91 12.72
C ALA B 175 -3.54 -5.88 11.83
N ALA B 176 -4.77 -5.52 12.18
CA ALA B 176 -5.55 -4.57 11.39
C ALA B 176 -6.53 -3.86 12.31
N SER B 177 -7.17 -2.82 11.76
CA SER B 177 -8.14 -2.05 12.52
C SER B 177 -9.19 -1.47 11.57
N SER B 178 -10.38 -1.22 12.11
CA SER B 178 -11.49 -0.67 11.35
C SER B 178 -12.19 0.38 12.21
N TYR B 179 -12.61 1.46 11.56
CA TYR B 179 -13.28 2.57 12.24
C TYR B 179 -14.64 2.80 11.61
N LEU B 180 -15.67 2.82 12.45
CA LEU B 180 -17.04 3.13 12.03
C LEU B 180 -17.39 4.49 12.64
N SER B 181 -17.34 5.54 11.83
CA SER B 181 -17.64 6.89 12.28
C SER B 181 -19.13 7.16 12.14
N LEU B 182 -19.71 7.83 13.13
CA LEU B 182 -21.13 8.15 13.12
C LEU B 182 -21.40 9.16 14.22
N THR B 183 -22.57 9.78 14.15
CA THR B 183 -22.96 10.81 15.10
C THR B 183 -23.59 10.19 16.34
N PRO B 184 -23.59 10.91 17.47
CA PRO B 184 -24.19 10.32 18.69
C PRO B 184 -25.64 9.91 18.50
N GLU B 185 -26.42 10.67 17.72
CA GLU B 185 -27.81 10.33 17.50
C GLU B 185 -27.94 8.96 16.85
N GLN B 186 -27.12 8.68 15.83
CA GLN B 186 -27.15 7.38 15.18
C GLN B 186 -26.77 6.28 16.16
N TRP B 187 -25.74 6.52 16.98
CA TRP B 187 -25.29 5.49 17.91
C TRP B 187 -26.35 5.15 18.94
N LYS B 188 -26.99 6.18 19.51
CA LYS B 188 -28.06 5.94 20.47
C LYS B 188 -29.38 5.55 19.82
N SER B 189 -29.45 5.61 18.48
CA SER B 189 -30.68 5.22 17.79
C SER B 189 -30.86 3.72 17.77
N HIS B 190 -29.79 2.98 17.53
CA HIS B 190 -29.84 1.53 17.43
C HIS B 190 -29.56 0.89 18.79
N ARG B 191 -29.96 -0.37 18.90
CA ARG B 191 -29.75 -1.14 20.13
C ARG B 191 -28.42 -1.88 20.14
N SER B 192 -27.80 -2.09 18.97
CA SER B 192 -26.57 -2.86 18.89
C SER B 192 -25.76 -2.41 17.68
N TYR B 193 -24.45 -2.56 17.79
CA TYR B 193 -23.52 -2.37 16.68
C TYR B 193 -22.49 -3.49 16.75
N SER B 194 -22.38 -4.24 15.66
CA SER B 194 -21.54 -5.44 15.63
C SER B 194 -20.43 -5.29 14.60
N CYS B 195 -19.24 -5.76 14.97
CA CYS B 195 -18.11 -5.86 14.05
C CYS B 195 -17.87 -7.34 13.79
N GLN B 196 -17.99 -7.75 12.54
CA GLN B 196 -17.77 -9.13 12.11
C GLN B 196 -16.47 -9.18 11.34
N VAL B 197 -15.48 -9.84 11.93
CA VAL B 197 -14.16 -10.01 11.31
C VAL B 197 -14.11 -11.43 10.75
N THR B 198 -14.12 -11.55 9.43
CA THR B 198 -14.07 -12.84 8.76
C THR B 198 -12.63 -13.10 8.31
N HIS B 199 -12.08 -14.20 8.79
CA HIS B 199 -10.72 -14.63 8.47
C HIS B 199 -10.80 -16.07 7.98
N GLU B 200 -10.27 -16.33 6.79
CA GLU B 200 -10.40 -17.66 6.17
C GLU B 200 -11.91 -17.93 6.03
N GLY B 201 -12.40 -19.08 6.47
CA GLY B 201 -13.83 -19.31 6.56
C GLY B 201 -14.46 -18.95 7.88
N SER B 202 -13.67 -18.71 8.91
CA SER B 202 -14.18 -18.37 10.23
C SER B 202 -14.63 -16.92 10.28
N THR B 203 -15.55 -16.62 11.20
CA THR B 203 -16.07 -15.27 11.38
C THR B 203 -16.23 -15.02 12.88
N VAL B 204 -15.42 -14.12 13.42
CA VAL B 204 -15.56 -13.67 14.81
C VAL B 204 -16.47 -12.44 14.81
N GLU B 205 -17.20 -12.26 15.91
CA GLU B 205 -18.15 -11.16 16.02
C GLU B 205 -18.05 -10.52 17.40
N LYS B 206 -18.00 -9.18 17.42
CA LYS B 206 -17.93 -8.43 18.67
C LYS B 206 -18.99 -7.34 18.62
N THR B 207 -19.92 -7.37 19.58
CA THR B 207 -21.04 -6.44 19.59
C THR B 207 -20.94 -5.50 20.79
N VAL B 208 -21.41 -4.27 20.58
CA VAL B 208 -21.49 -3.26 21.62
C VAL B 208 -22.87 -2.61 21.53
N ALA B 209 -23.24 -1.89 22.59
CA ALA B 209 -24.55 -1.26 22.65
C ALA B 209 -24.45 -0.01 23.51
N PRO B 210 -25.35 0.96 23.32
CA PRO B 210 -25.38 2.13 24.20
C PRO B 210 -25.81 1.76 25.62
N THR B 211 -24.86 1.74 26.55
CA THR B 211 -25.15 1.42 27.94
C THR B 211 -24.10 2.02 28.86
C1 PEG C . 0.46 -2.92 -2.30
O1 PEG C . 0.59 -2.91 -0.92
C2 PEG C . -0.60 -3.98 -2.66
O2 PEG C . -0.69 -4.03 -4.07
C3 PEG C . -1.31 -5.19 -4.54
C4 PEG C . -1.21 -5.21 -6.08
O4 PEG C . -1.94 -6.28 -6.53
#